data_4XC2
#
_entry.id   4XC2
#
_cell.length_a   38.893
_cell.length_b   57.353
_cell.length_c   67.310
_cell.angle_alpha   65.300
_cell.angle_beta   77.340
_cell.angle_gamma   89.950
#
_symmetry.space_group_name_H-M   'P 1'
#
loop_
_entity.id
_entity.type
_entity.pdbx_description
1 polymer 'GABA(A) receptor-associated protein'
2 polymer 'Kelch repeat and BTB domain-containing protein 6'
3 water water
#
loop_
_entity_poly.entity_id
_entity_poly.type
_entity_poly.pdbx_seq_one_letter_code
_entity_poly.pdbx_strand_id
1 'polypeptide(L)'
;AMGFVYKEEHPFEKRRSEGEKIRKKYPDRVPVIVEKAPKARIGDLDKKKYLVPSDLTVGQFYFLIRKRIHLRAEDALFFF
VNNVIPPTSATMGQLYQEHHEEDFFLYIAYSDESVYG
;
A,B,C,D
2 'polypeptide(L)' SDDDFWVRVAP E,F,G,H
#
# COMPACT_ATOMS: atom_id res chain seq x y z
N MET A 2 24.35 14.24 0.79
CA MET A 2 24.51 15.70 0.53
C MET A 2 23.57 16.49 1.44
N GLY A 3 23.89 16.50 2.73
CA GLY A 3 23.04 17.10 3.74
C GLY A 3 22.14 16.09 4.43
N PHE A 4 22.62 14.84 4.53
CA PHE A 4 21.94 13.83 5.34
C PHE A 4 22.66 13.63 6.66
N VAL A 5 21.96 13.93 7.75
CA VAL A 5 22.47 13.73 9.10
C VAL A 5 22.93 12.29 9.34
N TYR A 6 22.21 11.34 8.74
CA TYR A 6 22.50 9.94 8.98
C TYR A 6 23.90 9.59 8.50
N LYS A 7 24.32 10.26 7.42
CA LYS A 7 25.68 10.12 6.92
C LYS A 7 26.70 10.73 7.87
N GLU A 8 26.33 11.82 8.53
CA GLU A 8 27.24 12.46 9.46
C GLU A 8 27.50 11.48 10.60
N GLU A 9 26.43 10.89 11.11
CA GLU A 9 26.48 10.16 12.37
C GLU A 9 27.00 8.74 12.20
N HIS A 10 26.93 8.22 10.98
CA HIS A 10 27.26 6.83 10.74
C HIS A 10 28.32 6.74 9.65
N PRO A 11 29.57 6.43 10.04
CA PRO A 11 30.64 6.41 9.06
C PRO A 11 30.40 5.44 7.90
N PHE A 12 31.10 5.68 6.79
CA PHE A 12 30.76 5.09 5.51
C PHE A 12 30.89 3.58 5.51
N GLU A 13 31.92 3.06 6.17
CA GLU A 13 32.20 1.64 6.12
C GLU A 13 31.17 0.79 6.86
N LYS A 14 30.64 1.33 7.95
CA LYS A 14 29.57 0.67 8.70
C LYS A 14 28.26 0.70 7.90
N ARG A 15 27.93 1.87 7.39
CA ARG A 15 26.83 2.01 6.47
C ARG A 15 26.89 0.96 5.40
N ARG A 16 28.01 0.90 4.67
CA ARG A 16 28.12 0.01 3.51
C ARG A 16 27.96 -1.43 3.97
N SER A 17 28.64 -1.76 5.05
CA SER A 17 28.52 -3.07 5.70
C SER A 17 27.05 -3.45 5.97
N GLU A 18 26.31 -2.56 6.63
CA GLU A 18 24.91 -2.83 6.93
C GLU A 18 24.05 -2.93 5.66
N GLY A 19 24.37 -2.12 4.64
CA GLY A 19 23.57 -2.10 3.42
C GLY A 19 23.77 -3.40 2.68
N GLU A 20 25.02 -3.83 2.62
CA GLU A 20 25.36 -5.08 1.97
C GLU A 20 24.62 -6.24 2.63
N LYS A 21 24.70 -6.29 3.96
CA LYS A 21 24.13 -7.38 4.73
C LYS A 21 22.62 -7.41 4.55
N ILE A 22 21.99 -6.24 4.63
CA ILE A 22 20.53 -6.16 4.63
C ILE A 22 19.94 -6.50 3.23
N ARG A 23 20.71 -6.20 2.18
CA ARG A 23 20.30 -6.54 0.81
C ARG A 23 20.47 -8.03 0.54
N LYS A 24 21.53 -8.60 1.09
CA LYS A 24 21.69 -10.05 1.05
C LYS A 24 20.54 -10.74 1.76
N LYS A 25 20.19 -10.24 2.94
CA LYS A 25 19.22 -10.92 3.76
C LYS A 25 17.81 -10.73 3.20
N TYR A 26 17.56 -9.57 2.61
CA TYR A 26 16.22 -9.22 2.17
C TYR A 26 16.26 -8.74 0.70
N PRO A 27 16.58 -9.64 -0.21
CA PRO A 27 16.74 -9.23 -1.62
C PRO A 27 15.45 -8.83 -2.31
N ASP A 28 14.27 -9.09 -1.73
CA ASP A 28 13.05 -8.55 -2.33
C ASP A 28 12.63 -7.22 -1.69
N ARG A 29 13.53 -6.64 -0.91
CA ARG A 29 13.27 -5.36 -0.25
C ARG A 29 14.44 -4.40 -0.49
N VAL A 30 14.16 -3.10 -0.46
CA VAL A 30 15.24 -2.10 -0.47
C VAL A 30 15.30 -1.18 0.75
N PRO A 31 16.53 -0.91 1.18
CA PRO A 31 16.78 -0.06 2.31
C PRO A 31 16.81 1.43 1.96
N VAL A 32 15.96 2.19 2.63
CA VAL A 32 15.80 3.60 2.34
C VAL A 32 15.98 4.45 3.60
N ILE A 33 16.78 5.50 3.48
CA ILE A 33 16.88 6.57 4.47
C ILE A 33 16.08 7.81 4.05
N VAL A 34 15.18 8.28 4.91
CA VAL A 34 14.30 9.42 4.62
C VAL A 34 14.49 10.53 5.67
N GLU A 35 14.97 11.67 5.20
CA GLU A 35 15.12 12.85 6.04
C GLU A 35 14.52 14.05 5.37
N LYS A 36 13.96 14.94 6.18
CA LYS A 36 13.66 16.32 5.82
C LYS A 36 14.78 16.97 4.99
N ALA A 37 14.42 17.59 3.86
CA ALA A 37 15.40 18.39 3.09
C ALA A 37 15.96 19.53 3.93
N PRO A 38 17.15 20.02 3.56
CA PRO A 38 17.69 21.22 4.16
C PRO A 38 16.75 22.40 3.98
N LYS A 39 16.43 23.08 5.09
CA LYS A 39 15.66 24.32 5.10
C LYS A 39 14.19 24.08 4.88
N ALA A 40 13.81 22.82 4.87
CA ALA A 40 12.40 22.47 4.77
C ALA A 40 11.64 22.87 6.05
N ARG A 41 10.39 23.28 5.87
CA ARG A 41 9.55 23.76 6.96
C ARG A 41 8.33 22.85 6.96
N ILE A 42 8.43 21.78 7.73
CA ILE A 42 7.49 20.68 7.59
C ILE A 42 7.63 19.69 8.73
N GLY A 43 6.53 19.02 9.03
CA GLY A 43 6.46 18.05 10.12
C GLY A 43 7.53 16.98 10.10
N ASP A 44 7.92 16.57 11.30
CA ASP A 44 8.95 15.56 11.48
C ASP A 44 8.46 14.17 11.13
N LEU A 45 9.41 13.33 10.75
CA LEU A 45 9.15 11.92 10.53
C LEU A 45 9.70 11.16 11.72
N ASP A 46 8.83 10.36 12.34
CA ASP A 46 9.18 9.70 13.58
C ASP A 46 10.35 8.74 13.36
N LYS A 47 10.37 8.09 12.21
CA LYS A 47 11.43 7.17 11.86
C LYS A 47 12.08 7.57 10.53
N LYS A 48 13.35 7.18 10.44
CA LYS A 48 14.26 7.53 9.37
C LYS A 48 14.57 6.35 8.44
N LYS A 49 14.59 5.12 8.96
CA LYS A 49 15.02 3.97 8.19
C LYS A 49 13.87 3.01 7.80
N TYR A 50 13.76 2.78 6.51
CA TYR A 50 12.66 2.01 5.98
C TYR A 50 13.17 0.88 5.11
N LEU A 51 12.68 -0.31 5.39
CA LEU A 51 12.95 -1.48 4.58
C LEU A 51 11.67 -1.80 3.80
N VAL A 52 11.72 -1.49 2.51
CA VAL A 52 10.54 -1.31 1.69
C VAL A 52 10.45 -2.43 0.63
N PRO A 53 9.27 -3.06 0.46
CA PRO A 53 9.20 -4.06 -0.57
C PRO A 53 9.51 -3.45 -1.93
N SER A 54 10.23 -4.20 -2.75
CA SER A 54 10.80 -3.66 -3.96
C SER A 54 9.70 -3.35 -4.95
N ASP A 55 8.60 -4.06 -4.83
CA ASP A 55 7.45 -3.87 -5.75
C ASP A 55 6.50 -2.69 -5.45
N LEU A 56 6.50 -2.19 -4.22
CA LEU A 56 5.82 -0.92 -3.87
C LEU A 56 6.25 0.23 -4.77
N THR A 57 5.30 1.00 -5.30
CA THR A 57 5.64 2.14 -6.17
C THR A 57 6.09 3.33 -5.34
N VAL A 58 6.76 4.27 -6.01
CA VAL A 58 7.17 5.51 -5.37
C VAL A 58 5.93 6.28 -4.87
N GLY A 59 4.82 6.18 -5.60
CA GLY A 59 3.54 6.76 -5.16
C GLY A 59 3.04 6.22 -3.83
N GLN A 60 3.09 4.90 -3.69
CA GLN A 60 2.61 4.25 -2.48
C GLN A 60 3.50 4.60 -1.32
N PHE A 61 4.81 4.61 -1.55
CA PHE A 61 5.74 5.02 -0.51
C PHE A 61 5.52 6.48 -0.09
N TYR A 62 5.34 7.35 -1.08
CA TYR A 62 4.90 8.73 -0.86
C TYR A 62 3.69 8.86 0.08
N PHE A 63 2.60 8.16 -0.23
CA PHE A 63 1.37 8.28 0.55
C PHE A 63 1.56 7.65 1.92
N LEU A 64 2.45 6.68 1.99
CA LEU A 64 2.83 6.08 3.26
C LEU A 64 3.49 7.11 4.13
N ILE A 65 4.42 7.85 3.55
CA ILE A 65 5.20 8.80 4.35
C ILE A 65 4.33 9.99 4.76
N ARG A 66 3.54 10.55 3.83
CA ARG A 66 2.49 11.51 4.16
C ARG A 66 1.77 11.10 5.44
N LYS A 67 1.28 9.87 5.47
CA LYS A 67 0.45 9.42 6.56
C LYS A 67 1.24 9.43 7.84
N ARG A 68 2.50 9.06 7.76
CA ARG A 68 3.33 8.99 8.96
C ARG A 68 3.62 10.36 9.55
N ILE A 69 3.63 11.37 8.68
CA ILE A 69 3.87 12.74 9.10
C ILE A 69 2.56 13.35 9.64
N HIS A 70 1.45 12.68 9.34
CA HIS A 70 0.10 13.12 9.70
C HIS A 70 -0.28 14.38 8.96
N LEU A 71 0.19 14.51 7.72
CA LEU A 71 -0.09 15.70 6.96
C LEU A 71 -1.60 15.80 6.80
N ARG A 72 -2.09 17.02 6.66
CA ARG A 72 -3.46 17.23 6.26
C ARG A 72 -3.50 17.14 4.74
N ALA A 73 -4.68 16.90 4.22
CA ALA A 73 -4.84 16.84 2.77
C ALA A 73 -4.22 18.06 2.08
N GLU A 74 -4.41 19.26 2.64
CA GLU A 74 -3.94 20.48 1.98
C GLU A 74 -2.41 20.62 1.98
N ASP A 75 -1.73 19.82 2.79
CA ASP A 75 -0.31 20.04 3.02
C ASP A 75 0.46 19.40 1.87
N ALA A 76 1.52 20.05 1.41
CA ALA A 76 2.30 19.55 0.28
C ALA A 76 3.51 18.76 0.76
N LEU A 77 3.94 17.83 -0.08
CA LEU A 77 5.12 17.04 0.21
C LEU A 77 5.82 16.72 -1.12
N PHE A 78 7.13 16.85 -1.16
CA PHE A 78 7.90 16.53 -2.38
C PHE A 78 9.05 15.62 -1.98
N PHE A 79 9.41 14.69 -2.85
CA PHE A 79 10.59 13.84 -2.64
C PHE A 79 11.77 14.29 -3.51
N PHE A 80 12.99 14.27 -2.99
CA PHE A 80 14.13 14.45 -3.87
C PHE A 80 15.10 13.31 -3.72
N VAL A 81 15.63 12.82 -4.83
CA VAL A 81 16.66 11.80 -4.81
C VAL A 81 17.70 12.11 -5.88
N ASN A 82 18.97 12.22 -5.49
CA ASN A 82 20.04 12.69 -6.37
C ASN A 82 19.69 13.86 -7.25
N ASN A 83 19.14 14.90 -6.64
CA ASN A 83 18.78 16.12 -7.34
C ASN A 83 17.72 15.92 -8.43
N VAL A 84 16.88 14.91 -8.30
CA VAL A 84 15.64 14.83 -9.10
C VAL A 84 14.44 14.45 -8.27
N ILE A 85 13.27 14.84 -8.74
CA ILE A 85 12.02 14.33 -8.18
C ILE A 85 11.69 12.99 -8.82
N PRO A 86 11.56 11.93 -8.01
CA PRO A 86 11.39 10.59 -8.61
C PRO A 86 9.95 10.42 -9.14
N PRO A 87 9.79 9.64 -10.21
CA PRO A 87 8.43 9.48 -10.75
C PRO A 87 7.57 8.52 -9.93
N THR A 88 6.28 8.82 -9.79
CA THR A 88 5.43 8.10 -8.83
C THR A 88 5.19 6.64 -9.28
N SER A 89 5.35 6.41 -10.58
CA SER A 89 5.05 5.11 -11.16
C SER A 89 6.22 4.14 -11.04
N ALA A 90 7.43 4.64 -10.81
CA ALA A 90 8.58 3.78 -10.59
C ALA A 90 8.34 2.90 -9.38
N THR A 91 8.99 1.75 -9.34
CA THR A 91 8.96 0.92 -8.15
C THR A 91 10.16 1.31 -7.29
N MET A 92 10.05 1.09 -5.98
CA MET A 92 11.10 1.44 -5.05
C MET A 92 12.33 0.61 -5.41
N GLY A 93 12.11 -0.60 -5.90
CA GLY A 93 13.19 -1.42 -6.45
C GLY A 93 13.94 -0.79 -7.61
N GLN A 94 13.21 -0.28 -8.57
CA GLN A 94 13.80 0.43 -9.70
C GLN A 94 14.50 1.70 -9.21
N LEU A 95 13.87 2.42 -8.29
CA LEU A 95 14.43 3.67 -7.85
C LEU A 95 15.73 3.36 -7.13
N TYR A 96 15.72 2.27 -6.39
CA TYR A 96 16.91 1.86 -5.66
C TYR A 96 18.02 1.48 -6.64
N GLN A 97 17.70 0.81 -7.73
CA GLN A 97 18.78 0.33 -8.60
C GLN A 97 19.44 1.49 -9.33
N GLU A 98 18.62 2.46 -9.70
CA GLU A 98 19.10 3.69 -10.33
C GLU A 98 19.88 4.59 -9.37
N HIS A 99 19.42 4.71 -8.13
CA HIS A 99 19.84 5.81 -7.32
C HIS A 99 20.63 5.44 -6.09
N HIS A 100 20.71 4.17 -5.70
CA HIS A 100 21.39 3.89 -4.41
C HIS A 100 22.81 4.37 -4.47
N GLU A 101 23.34 4.84 -3.33
CA GLU A 101 24.71 5.29 -3.23
C GLU A 101 25.64 4.12 -2.97
N GLU A 102 26.90 4.46 -2.74
CA GLU A 102 27.95 3.46 -2.60
C GLU A 102 27.86 2.69 -1.28
N ASP A 103 26.98 3.14 -0.39
CA ASP A 103 26.77 2.41 0.86
C ASP A 103 25.58 1.42 0.75
N PHE A 104 25.09 1.24 -0.47
CA PHE A 104 23.92 0.39 -0.76
C PHE A 104 22.60 0.88 -0.17
N PHE A 105 22.56 2.13 0.32
CA PHE A 105 21.30 2.76 0.67
C PHE A 105 20.80 3.70 -0.40
N LEU A 106 19.47 3.83 -0.42
CA LEU A 106 18.78 4.88 -1.13
C LEU A 106 18.34 6.01 -0.21
N TYR A 107 18.73 7.21 -0.58
CA TYR A 107 18.45 8.41 0.17
C TYR A 107 17.34 9.26 -0.46
N ILE A 108 16.30 9.53 0.33
CA ILE A 108 15.23 10.42 -0.08
C ILE A 108 15.09 11.60 0.89
N ALA A 109 15.18 12.79 0.32
CA ALA A 109 14.96 14.02 1.04
C ALA A 109 13.52 14.44 0.84
N TYR A 110 12.85 14.92 1.91
CA TYR A 110 11.48 15.38 1.77
C TYR A 110 11.32 16.83 2.18
N SER A 111 10.36 17.47 1.57
CA SER A 111 10.13 18.87 1.82
C SER A 111 8.71 19.31 1.52
N ASP A 112 8.38 20.51 2.01
CA ASP A 112 7.11 21.18 1.72
C ASP A 112 7.05 21.93 0.37
N GLU A 113 8.18 22.17 -0.25
CA GLU A 113 8.26 23.10 -1.37
C GLU A 113 9.06 22.47 -2.48
N SER A 114 8.72 22.79 -3.75
CA SER A 114 9.55 22.36 -4.88
C SER A 114 10.77 23.30 -5.10
N VAL A 115 11.61 23.38 -4.06
CA VAL A 115 12.82 24.20 -4.06
C VAL A 115 13.86 23.37 -3.33
N TYR A 116 15.05 23.30 -3.88
CA TYR A 116 16.00 22.34 -3.43
C TYR A 116 17.40 22.78 -3.73
N GLY A 117 18.28 22.65 -2.73
CA GLY A 117 19.66 23.08 -2.85
C GLY A 117 20.24 23.59 -1.54
N ALA B 1 -8.84 -26.25 11.50
CA ALA B 1 -7.37 -26.41 11.74
C ALA B 1 -6.91 -25.37 12.75
N MET B 2 -7.19 -24.10 12.48
CA MET B 2 -6.87 -23.03 13.43
C MET B 2 -7.84 -23.06 14.60
N GLY B 3 -7.35 -22.64 15.77
CA GLY B 3 -8.22 -22.17 16.85
C GLY B 3 -8.87 -23.24 17.69
N PHE B 4 -8.26 -24.42 17.79
CA PHE B 4 -8.80 -25.48 18.67
C PHE B 4 -7.96 -25.66 19.92
N VAL B 5 -8.59 -25.50 21.07
CA VAL B 5 -7.89 -25.63 22.34
C VAL B 5 -7.34 -27.03 22.51
N TYR B 6 -8.12 -28.03 22.11
CA TYR B 6 -7.73 -29.41 22.23
C TYR B 6 -6.33 -29.69 21.63
N LYS B 7 -6.02 -29.04 20.51
CA LYS B 7 -4.71 -29.19 19.87
C LYS B 7 -3.63 -28.46 20.67
N GLU B 8 -4.00 -27.40 21.38
CA GLU B 8 -3.05 -26.69 22.22
C GLU B 8 -2.73 -27.55 23.43
N GLU B 9 -3.74 -28.25 23.96
CA GLU B 9 -3.60 -28.95 25.24
C GLU B 9 -3.07 -30.36 25.07
N HIS B 10 -2.96 -30.82 23.84
CA HIS B 10 -2.56 -32.20 23.59
C HIS B 10 -1.65 -32.22 22.38
N PRO B 11 -0.41 -32.69 22.55
CA PRO B 11 0.58 -32.74 21.47
C PRO B 11 0.16 -33.63 20.31
N PHE B 12 0.60 -33.28 19.11
CA PHE B 12 0.24 -34.06 17.94
C PHE B 12 0.41 -35.55 18.19
N GLU B 13 1.54 -35.98 18.77
CA GLU B 13 1.83 -37.40 18.86
C GLU B 13 0.88 -38.15 19.80
N LYS B 14 0.47 -37.53 20.91
CA LYS B 14 -0.55 -38.12 21.79
C LYS B 14 -1.90 -38.22 21.05
N ARG B 15 -2.26 -37.15 20.37
CA ARG B 15 -3.50 -37.11 19.60
C ARG B 15 -3.52 -38.25 18.60
N ARG B 16 -2.44 -38.39 17.82
CA ARG B 16 -2.40 -39.32 16.71
C ARG B 16 -2.43 -40.73 17.23
N SER B 17 -1.76 -40.93 18.37
CA SER B 17 -1.75 -42.24 18.98
C SER B 17 -3.14 -42.64 19.49
N GLU B 18 -3.86 -41.72 20.12
CA GLU B 18 -5.22 -42.03 20.55
C GLU B 18 -6.16 -42.17 19.35
N GLY B 19 -5.93 -41.38 18.32
CA GLY B 19 -6.77 -41.46 17.12
C GLY B 19 -6.68 -42.82 16.48
N GLU B 20 -5.44 -43.30 16.35
CA GLU B 20 -5.17 -44.53 15.61
C GLU B 20 -5.83 -45.68 16.34
N LYS B 21 -5.70 -45.69 17.66
CA LYS B 21 -6.27 -46.73 18.50
C LYS B 21 -7.79 -46.75 18.41
N ILE B 22 -8.41 -45.59 18.50
CA ILE B 22 -9.86 -45.56 18.57
C ILE B 22 -10.45 -45.90 17.20
N ARG B 23 -9.69 -45.65 16.13
CA ARG B 23 -10.16 -45.96 14.77
C ARG B 23 -10.04 -47.46 14.53
N LYS B 24 -9.10 -48.09 15.21
CA LYS B 24 -8.89 -49.53 15.09
C LYS B 24 -9.89 -50.24 15.97
N LYS B 25 -10.07 -49.76 17.18
CA LYS B 25 -11.07 -50.35 18.08
C LYS B 25 -12.52 -50.16 17.62
N TYR B 26 -12.84 -49.04 17.00
CA TYR B 26 -14.22 -48.76 16.59
C TYR B 26 -14.25 -48.36 15.10
N PRO B 27 -14.11 -49.32 14.19
CA PRO B 27 -13.90 -48.92 12.78
C PRO B 27 -15.16 -48.39 12.09
N ASP B 28 -16.30 -48.60 12.73
CA ASP B 28 -17.59 -48.13 12.24
C ASP B 28 -17.97 -46.80 12.87
N ARG B 29 -17.13 -46.25 13.74
CA ARG B 29 -17.37 -44.91 14.23
C ARG B 29 -16.24 -43.95 13.86
N VAL B 30 -16.54 -42.67 13.96
CA VAL B 30 -15.54 -41.61 13.75
C VAL B 30 -15.42 -40.68 14.94
N PRO B 31 -14.17 -40.43 15.36
CA PRO B 31 -13.88 -39.48 16.42
C PRO B 31 -13.84 -38.02 15.97
N VAL B 32 -14.59 -37.21 16.69
CA VAL B 32 -14.85 -35.87 16.33
C VAL B 32 -14.66 -34.97 17.52
N ILE B 33 -13.91 -33.89 17.33
CA ILE B 33 -13.69 -32.89 18.35
C ILE B 33 -14.40 -31.61 18.01
N VAL B 34 -15.24 -31.13 18.91
CA VAL B 34 -16.20 -30.07 18.61
C VAL B 34 -16.02 -28.88 19.54
N GLU B 35 -15.62 -27.74 19.00
CA GLU B 35 -15.35 -26.51 19.79
C GLU B 35 -15.97 -25.28 19.16
N LYS B 36 -16.32 -24.32 20.01
CA LYS B 36 -16.84 -23.05 19.54
C LYS B 36 -15.76 -22.32 18.75
N ALA B 37 -16.15 -21.70 17.65
CA ALA B 37 -15.24 -20.87 16.85
C ALA B 37 -14.76 -19.69 17.67
N PRO B 38 -13.57 -19.16 17.32
CA PRO B 38 -13.04 -17.88 17.78
C PRO B 38 -14.11 -16.79 17.76
N LYS B 39 -14.35 -16.20 18.92
CA LYS B 39 -15.19 -15.01 19.07
C LYS B 39 -16.68 -15.30 18.99
N ALA B 40 -17.06 -16.58 19.05
CA ALA B 40 -18.45 -16.95 19.00
C ALA B 40 -19.15 -16.54 20.33
N ARG B 41 -20.42 -16.17 20.23
CA ARG B 41 -21.26 -15.77 21.38
C ARG B 41 -22.34 -16.82 21.57
N ILE B 42 -21.96 -17.92 22.22
CA ILE B 42 -22.84 -19.09 22.31
C ILE B 42 -22.49 -19.95 23.51
N GLY B 43 -23.52 -20.57 24.11
CA GLY B 43 -23.35 -21.54 25.18
C GLY B 43 -22.28 -22.56 24.81
N ASP B 44 -21.48 -22.98 25.79
CA ASP B 44 -20.35 -23.86 25.51
C ASP B 44 -20.69 -25.32 25.84
N LEU B 45 -19.98 -26.25 25.20
CA LEU B 45 -20.25 -27.69 25.34
C LEU B 45 -19.65 -28.22 26.60
N ASP B 46 -20.40 -29.04 27.33
CA ASP B 46 -19.86 -29.66 28.53
C ASP B 46 -18.79 -30.69 28.18
N LYS B 47 -18.89 -31.23 26.96
CA LYS B 47 -17.97 -32.27 26.46
C LYS B 47 -17.65 -32.05 24.97
N LYS B 48 -16.38 -32.13 24.59
CA LYS B 48 -15.99 -31.79 23.21
C LYS B 48 -15.66 -32.99 22.33
N LYS B 49 -15.56 -34.16 22.94
CA LYS B 49 -15.17 -35.36 22.22
C LYS B 49 -16.35 -36.32 21.98
N TYR B 50 -16.66 -36.53 20.71
CA TYR B 50 -17.76 -37.39 20.29
C TYR B 50 -17.25 -38.53 19.41
N LEU B 51 -17.65 -39.75 19.77
CA LEU B 51 -17.41 -40.90 18.94
C LEU B 51 -18.70 -41.29 18.29
N VAL B 52 -18.75 -41.16 16.95
CA VAL B 52 -19.99 -40.97 16.19
C VAL B 52 -20.20 -42.10 15.15
N PRO B 53 -21.39 -42.71 15.14
CA PRO B 53 -21.60 -43.69 14.06
C PRO B 53 -21.40 -43.09 12.67
N SER B 54 -20.72 -43.84 11.80
CA SER B 54 -20.28 -43.32 10.52
C SER B 54 -21.45 -43.09 9.58
N ASP B 55 -22.48 -43.93 9.73
N ASP B 55 -22.50 -43.89 9.70
CA ASP B 55 -23.75 -43.80 9.01
CA ASP B 55 -23.70 -43.69 8.88
C ASP B 55 -24.53 -42.56 9.44
C ASP B 55 -24.72 -42.75 9.56
N LEU B 56 -24.36 -42.14 10.69
CA LEU B 56 -25.05 -40.94 11.15
C LEU B 56 -24.80 -39.75 10.22
N THR B 57 -25.85 -39.05 9.76
CA THR B 57 -25.62 -37.87 8.90
C THR B 57 -25.14 -36.62 9.65
N VAL B 58 -24.66 -35.65 8.88
CA VAL B 58 -24.14 -34.40 9.41
C VAL B 58 -25.28 -33.59 10.04
N GLY B 59 -26.45 -33.59 9.38
CA GLY B 59 -27.63 -32.95 9.95
C GLY B 59 -28.05 -33.55 11.27
N GLN B 60 -28.00 -34.87 11.37
CA GLN B 60 -28.40 -35.54 12.59
C GLN B 60 -27.43 -35.22 13.72
N PHE B 61 -26.16 -35.15 13.37
CA PHE B 61 -25.14 -34.77 14.36
C PHE B 61 -25.31 -33.32 14.75
N TYR B 62 -25.55 -32.48 13.74
CA TYR B 62 -25.96 -31.09 13.96
C TYR B 62 -27.08 -30.92 15.02
N PHE B 63 -28.15 -31.69 14.90
CA PHE B 63 -29.26 -31.54 15.85
C PHE B 63 -28.87 -32.08 17.23
N LEU B 64 -28.07 -33.13 17.26
CA LEU B 64 -27.55 -33.62 18.53
C LEU B 64 -26.81 -32.50 19.26
N ILE B 65 -26.02 -31.72 18.52
CA ILE B 65 -25.17 -30.71 19.16
C ILE B 65 -26.02 -29.51 19.60
N ARG B 66 -27.04 -29.21 18.82
CA ARG B 66 -27.99 -28.19 19.19
C ARG B 66 -28.63 -28.49 20.54
N LYS B 67 -28.99 -29.75 20.78
CA LYS B 67 -29.59 -30.13 22.06
C LYS B 67 -28.61 -30.06 23.20
N ARG B 68 -27.39 -30.56 23.01
CA ARG B 68 -26.40 -30.57 24.12
C ARG B 68 -26.06 -29.14 24.60
N ILE B 69 -26.28 -28.18 23.72
CA ILE B 69 -25.92 -26.79 23.99
C ILE B 69 -27.17 -26.01 24.38
N HIS B 70 -28.32 -26.65 24.28
CA HIS B 70 -29.58 -26.12 24.81
C HIS B 70 -30.10 -24.98 23.96
N LEU B 71 -30.05 -25.13 22.65
CA LEU B 71 -30.59 -24.13 21.75
C LEU B 71 -32.08 -24.39 21.63
N ARG B 72 -32.85 -23.34 21.38
CA ARG B 72 -34.21 -23.47 20.90
C ARG B 72 -34.19 -23.37 19.39
N ALA B 73 -35.30 -23.77 18.77
CA ALA B 73 -35.33 -24.04 17.35
C ALA B 73 -35.00 -22.78 16.56
N GLU B 74 -35.35 -21.63 17.12
CA GLU B 74 -35.15 -20.36 16.44
C GLU B 74 -33.71 -19.84 16.54
N ASP B 75 -32.91 -20.40 17.44
CA ASP B 75 -31.54 -19.95 17.58
C ASP B 75 -30.65 -20.54 16.45
N ALA B 76 -29.73 -19.72 15.95
CA ALA B 76 -28.83 -20.15 14.90
C ALA B 76 -27.65 -20.99 15.42
N LEU B 77 -27.27 -22.00 14.65
CA LEU B 77 -26.00 -22.67 14.85
C LEU B 77 -25.34 -22.99 13.51
N PHE B 78 -24.03 -22.80 13.45
CA PHE B 78 -23.29 -23.10 12.23
C PHE B 78 -22.14 -24.03 12.53
N PHE B 79 -21.88 -24.97 11.63
CA PHE B 79 -20.67 -25.83 11.72
C PHE B 79 -19.59 -25.42 10.71
N PHE B 80 -18.34 -25.31 11.13
CA PHE B 80 -17.27 -25.09 10.16
C PHE B 80 -16.26 -26.21 10.23
N VAL B 81 -15.94 -26.77 9.08
CA VAL B 81 -14.90 -27.80 8.99
C VAL B 81 -13.95 -27.42 7.89
N ASN B 82 -12.65 -27.31 8.17
CA ASN B 82 -11.72 -26.79 7.14
C ASN B 82 -12.33 -25.71 6.25
N ASN B 83 -13.05 -24.77 6.85
CA ASN B 83 -13.37 -23.52 6.19
C ASN B 83 -14.54 -23.64 5.25
N VAL B 84 -15.31 -24.70 5.40
CA VAL B 84 -16.59 -24.81 4.72
C VAL B 84 -17.64 -25.23 5.74
N ILE B 85 -18.90 -24.90 5.44
CA ILE B 85 -20.03 -25.46 6.14
C ILE B 85 -20.34 -26.84 5.54
N PRO B 86 -20.24 -27.90 6.35
CA PRO B 86 -20.51 -29.25 5.86
C PRO B 86 -21.98 -29.42 5.43
N PRO B 87 -22.21 -30.14 4.31
CA PRO B 87 -23.60 -30.39 3.90
C PRO B 87 -24.34 -31.29 4.88
N THR B 88 -25.61 -31.01 5.07
CA THR B 88 -26.40 -31.76 6.01
C THR B 88 -26.64 -33.20 5.54
N SER B 89 -26.55 -33.45 4.23
CA SER B 89 -26.81 -34.79 3.71
C SER B 89 -25.63 -35.78 3.78
N ALA B 90 -24.39 -35.29 3.84
CA ALA B 90 -23.21 -36.17 3.93
C ALA B 90 -23.29 -37.00 5.20
N THR B 91 -22.75 -38.21 5.18
CA THR B 91 -22.68 -39.00 6.40
C THR B 91 -21.44 -38.50 7.15
N MET B 92 -21.44 -38.70 8.46
CA MET B 92 -20.31 -38.35 9.28
C MET B 92 -19.06 -39.14 8.84
N GLY B 93 -19.24 -40.41 8.50
CA GLY B 93 -18.20 -41.18 7.86
C GLY B 93 -17.59 -40.51 6.65
N GLN B 94 -18.43 -40.05 5.73
CA GLN B 94 -17.94 -39.31 4.58
C GLN B 94 -17.26 -38.02 4.97
N LEU B 95 -17.88 -37.25 5.86
CA LEU B 95 -17.33 -35.96 6.17
C LEU B 95 -15.94 -36.23 6.80
N TYR B 96 -15.85 -37.32 7.55
CA TYR B 96 -14.59 -37.67 8.25
C TYR B 96 -13.48 -38.10 7.26
N GLN B 97 -13.83 -38.87 6.24
CA GLN B 97 -12.82 -39.32 5.32
C GLN B 97 -12.33 -38.11 4.52
N GLU B 98 -13.23 -37.17 4.27
CA GLU B 98 -12.86 -36.00 3.49
C GLU B 98 -11.98 -35.04 4.26
N HIS B 99 -12.22 -34.88 5.56
CA HIS B 99 -11.75 -33.72 6.29
C HIS B 99 -10.87 -34.06 7.52
N HIS B 100 -10.77 -35.31 7.93
CA HIS B 100 -10.02 -35.59 9.16
C HIS B 100 -8.58 -35.15 9.01
N GLU B 101 -7.98 -34.73 10.13
CA GLU B 101 -6.58 -34.35 10.17
C GLU B 101 -5.67 -35.55 10.37
N GLU B 102 -4.37 -35.25 10.48
CA GLU B 102 -3.33 -36.25 10.42
C GLU B 102 -3.19 -36.92 11.75
N ASP B 103 -3.86 -36.39 12.77
CA ASP B 103 -4.00 -37.09 14.04
C ASP B 103 -5.22 -38.07 14.07
N PHE B 104 -5.87 -38.23 12.93
CA PHE B 104 -7.06 -39.06 12.79
C PHE B 104 -8.33 -38.51 13.44
N PHE B 105 -8.32 -37.25 13.84
CA PHE B 105 -9.51 -36.62 14.36
C PHE B 105 -10.19 -35.73 13.33
N LEU B 106 -11.51 -35.69 13.34
CA LEU B 106 -12.27 -34.65 12.69
C LEU B 106 -12.51 -33.50 13.63
N TYR B 107 -12.21 -32.29 13.18
CA TYR B 107 -12.49 -31.09 13.93
C TYR B 107 -13.63 -30.26 13.40
N ILE B 108 -14.60 -30.01 14.26
CA ILE B 108 -15.70 -29.15 13.92
C ILE B 108 -15.82 -27.97 14.87
N ALA B 109 -15.78 -26.80 14.27
CA ALA B 109 -16.03 -25.54 14.99
C ALA B 109 -17.49 -25.18 14.85
N TYR B 110 -18.08 -24.62 15.90
CA TYR B 110 -19.45 -24.12 15.81
C TYR B 110 -19.59 -22.66 16.25
N SER B 111 -20.68 -22.05 15.83
CA SER B 111 -20.94 -20.66 16.12
C SER B 111 -22.41 -20.35 16.00
N ASP B 112 -22.76 -19.23 16.64
CA ASP B 112 -24.06 -18.62 16.51
C ASP B 112 -24.18 -17.73 15.27
N GLU B 113 -23.06 -17.43 14.61
CA GLU B 113 -23.07 -16.50 13.49
C GLU B 113 -22.41 -17.12 12.26
N SER B 114 -22.93 -16.80 11.08
CA SER B 114 -22.29 -17.18 9.83
C SER B 114 -21.13 -16.26 9.48
N VAL B 115 -20.17 -16.18 10.41
CA VAL B 115 -18.95 -15.41 10.29
C VAL B 115 -17.85 -16.23 10.96
N TYR B 116 -16.69 -16.34 10.32
CA TYR B 116 -15.73 -17.33 10.73
C TYR B 116 -14.31 -16.93 10.34
N GLY B 117 -13.40 -16.89 11.32
CA GLY B 117 -11.97 -16.76 11.02
C GLY B 117 -11.13 -16.17 12.15
N GLY C 3 -22.71 -6.36 -13.09
CA GLY C 3 -23.65 -7.36 -12.51
C GLY C 3 -22.94 -8.39 -11.65
N PHE C 4 -23.43 -8.54 -10.41
CA PHE C 4 -22.83 -9.49 -9.46
C PHE C 4 -23.78 -10.66 -9.21
N VAL C 5 -23.24 -11.86 -9.25
CA VAL C 5 -24.05 -13.06 -9.07
C VAL C 5 -24.72 -13.01 -7.70
N TYR C 6 -24.02 -12.42 -6.72
CA TYR C 6 -24.55 -12.27 -5.39
C TYR C 6 -25.85 -11.46 -5.35
N LYS C 7 -25.89 -10.36 -6.11
CA LYS C 7 -27.10 -9.55 -6.25
C LYS C 7 -28.24 -10.29 -6.95
N GLU C 8 -27.90 -11.17 -7.88
CA GLU C 8 -28.90 -11.91 -8.62
C GLU C 8 -29.42 -13.11 -7.82
N GLU C 9 -28.63 -13.60 -6.89
CA GLU C 9 -29.00 -14.78 -6.10
C GLU C 9 -29.73 -14.38 -4.81
N HIS C 10 -29.60 -13.12 -4.41
CA HIS C 10 -30.23 -12.67 -3.18
C HIS C 10 -30.94 -11.32 -3.40
N PRO C 11 -32.23 -11.27 -3.04
CA PRO C 11 -33.05 -10.08 -3.21
C PRO C 11 -32.58 -8.91 -2.36
N PHE C 12 -32.63 -7.72 -2.95
CA PHE C 12 -32.21 -6.49 -2.26
C PHE C 12 -32.62 -6.49 -0.78
N GLU C 13 -33.90 -6.73 -0.51
CA GLU C 13 -34.44 -6.61 0.84
C GLU C 13 -33.67 -7.48 1.81
N LYS C 14 -33.34 -8.68 1.36
CA LYS C 14 -32.64 -9.63 2.21
C LYS C 14 -31.19 -9.19 2.39
N ARG C 15 -30.61 -8.60 1.33
CA ARG C 15 -29.25 -8.10 1.41
C ARG C 15 -29.17 -6.94 2.40
N ARG C 16 -30.00 -5.93 2.18
CA ARG C 16 -30.02 -4.77 3.06
C ARG C 16 -30.25 -5.17 4.49
N SER C 17 -31.17 -6.11 4.71
CA SER C 17 -31.41 -6.59 6.06
C SER C 17 -30.12 -7.13 6.66
N GLU C 18 -29.44 -7.99 5.91
CA GLU C 18 -28.17 -8.56 6.37
C GLU C 18 -27.07 -7.50 6.52
N GLY C 19 -27.02 -6.56 5.58
CA GLY C 19 -26.01 -5.49 5.62
C GLY C 19 -26.17 -4.57 6.81
N GLU C 20 -27.41 -4.16 7.05
CA GLU C 20 -27.70 -3.27 8.15
C GLU C 20 -27.32 -3.95 9.47
N LYS C 21 -27.71 -5.21 9.55
CA LYS C 21 -27.51 -6.02 10.73
C LYS C 21 -26.03 -6.17 11.03
N ILE C 22 -25.23 -6.38 9.99
CA ILE C 22 -23.83 -6.74 10.19
C ILE C 22 -23.00 -5.51 10.51
N ARG C 23 -23.38 -4.38 9.91
CA ARG C 23 -22.87 -3.07 10.27
C ARG C 23 -23.18 -2.70 11.72
N LYS C 24 -24.44 -2.83 12.11
CA LYS C 24 -24.80 -2.61 13.52
C LYS C 24 -23.98 -3.50 14.44
N LYS C 25 -23.80 -4.78 14.08
CA LYS C 25 -23.03 -5.69 14.92
C LYS C 25 -21.53 -5.41 14.94
N TYR C 26 -21.00 -4.99 13.80
CA TYR C 26 -19.54 -4.95 13.62
C TYR C 26 -19.15 -3.58 13.10
N PRO C 27 -19.30 -2.56 13.96
CA PRO C 27 -19.29 -1.18 13.46
C PRO C 27 -17.91 -0.77 13.00
N ASP C 28 -16.88 -1.51 13.39
CA ASP C 28 -15.53 -1.21 12.97
C ASP C 28 -15.03 -2.14 11.87
N ARG C 29 -15.96 -2.77 11.15
CA ARG C 29 -15.57 -3.62 10.03
C ARG C 29 -16.47 -3.25 8.86
N VAL C 30 -16.08 -3.61 7.65
CA VAL C 30 -17.03 -3.42 6.52
C VAL C 30 -17.22 -4.69 5.72
N PRO C 31 -18.48 -4.92 5.24
CA PRO C 31 -18.87 -6.09 4.48
C PRO C 31 -18.66 -5.92 3.00
N VAL C 32 -17.85 -6.81 2.44
CA VAL C 32 -17.35 -6.66 1.11
C VAL C 32 -17.66 -7.92 0.32
N ILE C 33 -18.13 -7.73 -0.90
CA ILE C 33 -18.46 -8.82 -1.76
C ILE C 33 -17.49 -8.74 -2.94
N VAL C 34 -16.71 -9.81 -3.13
CA VAL C 34 -15.68 -9.90 -4.18
C VAL C 34 -16.04 -11.03 -5.14
N GLU C 35 -16.12 -10.71 -6.42
CA GLU C 35 -16.34 -11.71 -7.45
C GLU C 35 -15.45 -11.42 -8.64
N LYS C 36 -15.19 -12.48 -9.42
CA LYS C 36 -14.39 -12.36 -10.63
C LYS C 36 -15.12 -11.55 -11.70
N ALA C 37 -14.40 -10.61 -12.31
CA ALA C 37 -14.95 -9.75 -13.37
C ALA C 37 -15.31 -10.52 -14.64
N PRO C 38 -16.18 -9.93 -15.48
CA PRO C 38 -16.44 -10.49 -16.83
C PRO C 38 -15.16 -10.78 -17.60
N LYS C 39 -14.99 -12.03 -18.03
CA LYS C 39 -14.01 -12.42 -19.04
C LYS C 39 -12.59 -12.60 -18.47
N ALA C 40 -12.47 -12.50 -17.16
CA ALA C 40 -11.20 -12.69 -16.48
C ALA C 40 -10.64 -14.11 -16.64
N ARG C 41 -9.32 -14.21 -16.75
CA ARG C 41 -8.65 -15.48 -16.88
C ARG C 41 -7.73 -15.61 -15.69
N ILE C 42 -8.32 -16.13 -14.61
CA ILE C 42 -7.67 -16.05 -13.30
C ILE C 42 -8.34 -17.01 -12.31
N GLY C 43 -7.60 -17.44 -11.31
CA GLY C 43 -8.09 -18.40 -10.31
C GLY C 43 -9.38 -17.94 -9.64
N ASP C 44 -10.25 -18.91 -9.35
CA ASP C 44 -11.47 -18.72 -8.55
C ASP C 44 -11.11 -18.29 -7.12
N LEU C 45 -11.94 -17.43 -6.53
CA LEU C 45 -11.85 -17.15 -5.08
C LEU C 45 -12.74 -18.14 -4.42
N ASP C 46 -12.22 -18.76 -3.35
CA ASP C 46 -12.99 -19.77 -2.61
C ASP C 46 -14.22 -19.16 -1.97
N LYS C 47 -14.04 -17.96 -1.43
CA LYS C 47 -15.08 -17.29 -0.67
C LYS C 47 -15.28 -15.89 -1.22
N LYS C 48 -16.55 -15.51 -1.35
CA LYS C 48 -16.84 -14.20 -1.90
C LYS C 48 -17.11 -13.12 -0.84
N LYS C 49 -17.36 -13.52 0.42
CA LYS C 49 -17.81 -12.57 1.45
C LYS C 49 -16.76 -12.36 2.54
N TYR C 50 -16.37 -11.11 2.70
CA TYR C 50 -15.27 -10.71 3.58
C TYR C 50 -15.73 -9.60 4.50
N LEU C 51 -15.52 -9.82 5.81
CA LEU C 51 -15.75 -8.82 6.82
C LEU C 51 -14.41 -8.25 7.30
N VAL C 52 -14.15 -6.99 6.95
CA VAL C 52 -12.83 -6.44 6.81
C VAL C 52 -12.69 -5.30 7.81
N PRO C 53 -11.62 -5.29 8.63
CA PRO C 53 -11.38 -4.10 9.44
C PRO C 53 -11.31 -2.82 8.59
N SER C 54 -12.09 -1.81 8.97
CA SER C 54 -12.14 -0.50 8.31
C SER C 54 -10.79 0.10 8.00
N ASP C 55 -9.86 -0.07 8.93
CA ASP C 55 -8.62 0.69 8.91
C ASP C 55 -7.55 -0.11 8.18
N LEU C 56 -7.88 -1.34 7.81
CA LEU C 56 -7.06 -2.12 6.90
C LEU C 56 -7.05 -1.41 5.58
N THR C 57 -5.89 -1.39 4.93
CA THR C 57 -5.74 -0.63 3.70
C THR C 57 -6.14 -1.49 2.50
N VAL C 58 -6.41 -0.83 1.38
CA VAL C 58 -6.74 -1.51 0.15
C VAL C 58 -5.56 -2.32 -0.37
N GLY C 59 -4.36 -1.74 -0.31
CA GLY C 59 -3.15 -2.50 -0.64
C GLY C 59 -3.12 -3.82 0.09
N GLN C 60 -3.41 -3.77 1.38
CA GLN C 60 -3.34 -4.94 2.23
C GLN C 60 -4.46 -5.92 1.95
N PHE C 61 -5.62 -5.43 1.54
CA PHE C 61 -6.68 -6.32 1.12
C PHE C 61 -6.39 -7.00 -0.22
N TYR C 62 -5.77 -6.26 -1.15
CA TYR C 62 -5.20 -6.80 -2.39
C TYR C 62 -4.26 -7.99 -2.14
N PHE C 63 -3.31 -7.81 -1.23
CA PHE C 63 -2.33 -8.85 -0.94
C PHE C 63 -3.02 -10.07 -0.35
N LEU C 64 -3.92 -9.80 0.59
CA LEU C 64 -4.75 -10.82 1.17
C LEU C 64 -5.54 -11.62 0.14
N ILE C 65 -6.14 -10.94 -0.84
CA ILE C 65 -6.92 -11.65 -1.87
C ILE C 65 -5.96 -12.35 -2.82
N ARG C 66 -4.78 -11.77 -3.00
CA ARG C 66 -3.75 -12.41 -3.81
C ARG C 66 -3.43 -13.77 -3.19
N LYS C 67 -3.21 -13.77 -1.88
CA LYS C 67 -2.88 -15.01 -1.16
C LYS C 67 -3.95 -16.10 -1.35
N ARG C 68 -5.21 -15.72 -1.21
CA ARG C 68 -6.33 -16.66 -1.25
C ARG C 68 -6.56 -17.26 -2.63
N ILE C 69 -6.23 -16.50 -3.67
CA ILE C 69 -6.22 -17.06 -5.02
C ILE C 69 -4.91 -17.84 -5.25
N HIS C 70 -3.96 -17.71 -4.33
CA HIS C 70 -2.67 -18.39 -4.41
C HIS C 70 -1.85 -17.86 -5.56
N LEU C 71 -1.96 -16.55 -5.82
CA LEU C 71 -1.26 -15.97 -6.95
C LEU C 71 0.23 -15.89 -6.62
N ARG C 72 1.05 -15.88 -7.66
CA ARG C 72 2.49 -15.69 -7.49
C ARG C 72 2.82 -14.24 -7.75
N ALA C 73 3.94 -13.77 -7.20
CA ALA C 73 4.33 -12.36 -7.32
C ALA C 73 4.12 -11.82 -8.72
N GLU C 74 4.53 -12.56 -9.74
CA GLU C 74 4.44 -12.06 -11.11
C GLU C 74 2.99 -11.98 -11.68
N ASP C 75 2.02 -12.54 -10.98
CA ASP C 75 0.64 -12.60 -11.51
C ASP C 75 -0.10 -11.26 -11.27
N ALA C 76 -0.60 -10.67 -12.37
CA ALA C 76 -1.44 -9.48 -12.30
C ALA C 76 -2.75 -9.70 -11.49
N LEU C 77 -3.17 -8.68 -10.76
CA LEU C 77 -4.52 -8.64 -10.21
C LEU C 77 -4.98 -7.20 -10.10
N PHE C 78 -6.18 -6.94 -10.61
CA PHE C 78 -6.79 -5.62 -10.51
C PHE C 78 -8.16 -5.66 -9.79
N PHE C 79 -8.43 -4.65 -8.98
CA PHE C 79 -9.75 -4.48 -8.35
C PHE C 79 -10.54 -3.44 -9.14
N PHE C 80 -11.84 -3.69 -9.32
CA PHE C 80 -12.79 -2.72 -9.86
C PHE C 80 -13.98 -2.46 -8.93
N VAL C 81 -14.21 -1.18 -8.67
CA VAL C 81 -15.32 -0.75 -7.83
C VAL C 81 -16.00 0.41 -8.53
N ASN C 82 -17.29 0.26 -8.79
CA ASN C 82 -18.03 1.31 -9.46
C ASN C 82 -17.18 1.89 -10.59
N ASN C 83 -16.52 1.03 -11.34
CA ASN C 83 -15.90 1.44 -12.58
C ASN C 83 -14.68 2.32 -12.39
N VAL C 84 -14.06 2.23 -11.21
CA VAL C 84 -12.73 2.77 -11.01
C VAL C 84 -11.86 1.70 -10.39
N ILE C 85 -10.54 1.84 -10.50
CA ILE C 85 -9.62 1.03 -9.73
C ILE C 85 -9.30 1.80 -8.46
N PRO C 86 -9.53 1.17 -7.29
CA PRO C 86 -9.33 1.88 -6.05
C PRO C 86 -7.83 2.07 -5.79
N PRO C 87 -7.45 3.16 -5.13
CA PRO C 87 -6.04 3.37 -4.85
C PRO C 87 -5.62 2.67 -3.56
N THR C 88 -4.38 2.17 -3.54
CA THR C 88 -3.92 1.30 -2.46
C THR C 88 -3.74 1.99 -1.13
N SER C 89 -3.66 3.32 -1.15
CA SER C 89 -3.45 4.08 0.08
C SER C 89 -4.72 4.34 0.89
N ALA C 90 -5.89 4.13 0.28
CA ALA C 90 -7.15 4.30 1.00
C ALA C 90 -7.34 3.14 1.98
N THR C 91 -8.06 3.39 3.08
CA THR C 91 -8.54 2.32 3.94
C THR C 91 -9.83 1.75 3.35
N MET C 92 -10.18 0.53 3.75
CA MET C 92 -11.40 -0.13 3.25
C MET C 92 -12.67 0.53 3.75
N GLY C 93 -12.57 1.12 4.93
CA GLY C 93 -13.56 2.06 5.45
C GLY C 93 -13.81 3.25 4.54
N GLN C 94 -12.76 3.90 4.08
CA GLN C 94 -12.92 5.03 3.14
C GLN C 94 -13.53 4.57 1.82
N LEU C 95 -13.04 3.44 1.33
CA LEU C 95 -13.59 2.86 0.13
C LEU C 95 -15.06 2.59 0.30
N TYR C 96 -15.40 1.92 1.40
CA TYR C 96 -16.77 1.59 1.76
C TYR C 96 -17.64 2.83 1.80
N GLN C 97 -17.24 3.88 2.49
N GLN C 97 -17.13 3.86 2.48
CA GLN C 97 -18.12 5.04 2.61
CA GLN C 97 -17.81 5.13 2.71
C GLN C 97 -18.15 5.91 1.34
C GLN C 97 -18.15 5.79 1.36
N GLU C 98 -17.24 5.67 0.40
CA GLU C 98 -17.46 6.23 -0.96
C GLU C 98 -18.40 5.38 -1.79
N HIS C 99 -18.24 4.06 -1.73
CA HIS C 99 -18.78 3.20 -2.77
C HIS C 99 -19.88 2.23 -2.37
N HIS C 100 -20.16 2.06 -1.08
CA HIS C 100 -21.09 1.03 -0.66
C HIS C 100 -22.42 1.29 -1.29
N GLU C 101 -23.16 0.22 -1.55
CA GLU C 101 -24.48 0.35 -2.14
C GLU C 101 -25.57 0.43 -1.08
N GLU C 102 -26.80 0.57 -1.52
CA GLU C 102 -27.88 0.85 -0.58
C GLU C 102 -28.28 -0.40 0.21
N ASP C 103 -27.66 -1.53 -0.11
CA ASP C 103 -27.83 -2.70 0.72
C ASP C 103 -26.80 -2.77 1.86
N PHE C 104 -26.02 -1.70 1.99
CA PHE C 104 -24.87 -1.61 2.92
C PHE C 104 -23.70 -2.54 2.57
N PHE C 105 -23.67 -3.09 1.36
CA PHE C 105 -22.49 -3.83 0.91
C PHE C 105 -21.63 -3.06 -0.06
N LEU C 106 -20.33 -3.31 0.02
CA LEU C 106 -19.36 -2.87 -0.99
C LEU C 106 -19.02 -4.00 -1.94
N TYR C 107 -19.02 -3.69 -3.23
CA TYR C 107 -18.81 -4.68 -4.25
C TYR C 107 -17.51 -4.41 -5.00
N ILE C 108 -16.65 -5.42 -5.04
CA ILE C 108 -15.41 -5.34 -5.80
C ILE C 108 -15.31 -6.48 -6.81
N ALA C 109 -14.98 -6.15 -8.05
CA ALA C 109 -14.73 -7.19 -9.04
C ALA C 109 -13.23 -7.30 -9.17
N TYR C 110 -12.73 -8.50 -9.45
CA TYR C 110 -11.31 -8.66 -9.76
C TYR C 110 -11.02 -9.38 -11.09
N SER C 111 -9.82 -9.08 -11.59
CA SER C 111 -9.41 -9.54 -12.89
C SER C 111 -7.87 -9.57 -13.00
N ASP C 112 -7.40 -10.30 -14.00
CA ASP C 112 -5.98 -10.35 -14.37
C ASP C 112 -5.55 -9.21 -15.29
N GLU C 113 -6.50 -8.58 -16.00
CA GLU C 113 -6.16 -7.47 -16.89
C GLU C 113 -6.78 -6.14 -16.45
N SER C 114 -6.11 -5.04 -16.82
CA SER C 114 -6.66 -3.70 -16.70
C SER C 114 -7.57 -3.41 -17.85
N VAL C 115 -8.60 -4.21 -18.00
CA VAL C 115 -9.56 -4.08 -19.07
C VAL C 115 -10.88 -4.51 -18.49
N TYR C 116 -11.84 -3.59 -18.52
CA TYR C 116 -13.05 -3.73 -17.76
C TYR C 116 -14.21 -3.27 -18.61
N GLY C 117 -15.30 -4.03 -18.58
CA GLY C 117 -16.58 -3.63 -19.17
C GLY C 117 -17.35 -4.84 -19.67
N MET D 2 10.06 34.87 -25.61
CA MET D 2 10.42 34.70 -27.05
C MET D 2 11.38 33.51 -27.25
N GLY D 3 10.85 32.38 -27.68
CA GLY D 3 11.66 31.22 -28.03
C GLY D 3 12.04 30.37 -26.81
N PHE D 4 11.23 30.46 -25.76
CA PHE D 4 11.48 29.69 -24.53
C PHE D 4 10.50 28.53 -24.40
N VAL D 5 11.03 27.31 -24.38
CA VAL D 5 10.19 26.13 -24.28
C VAL D 5 9.34 26.21 -23.02
N TYR D 6 9.90 26.75 -21.94
CA TYR D 6 9.16 26.86 -20.69
C TYR D 6 7.82 27.59 -20.80
N LYS D 7 7.78 28.63 -21.64
CA LYS D 7 6.57 29.44 -21.80
C LYS D 7 5.52 28.69 -22.60
N GLU D 8 5.99 27.91 -23.57
CA GLU D 8 5.12 27.03 -24.33
C GLU D 8 4.57 25.93 -23.43
N GLU D 9 5.40 25.41 -22.53
CA GLU D 9 5.02 24.25 -21.72
C GLU D 9 4.22 24.60 -20.46
N HIS D 10 4.12 25.89 -20.16
CA HIS D 10 3.49 26.31 -18.92
C HIS D 10 2.65 27.53 -19.21
N PRO D 11 1.34 27.44 -18.90
CA PRO D 11 0.49 28.54 -19.29
C PRO D 11 0.73 29.78 -18.42
N PHE D 12 0.52 30.94 -19.00
CA PHE D 12 0.92 32.20 -18.39
C PHE D 12 0.41 32.33 -16.96
N GLU D 13 -0.85 31.98 -16.77
CA GLU D 13 -1.55 32.41 -15.56
C GLU D 13 -0.98 31.61 -14.42
N LYS D 14 -0.61 30.37 -14.72
CA LYS D 14 0.06 29.52 -13.74
C LYS D 14 1.47 30.04 -13.48
N ARG D 15 2.18 30.41 -14.55
CA ARG D 15 3.51 30.99 -14.39
C ARG D 15 3.45 32.23 -13.50
N ARG D 16 2.46 33.08 -13.76
CA ARG D 16 2.37 34.36 -13.07
C ARG D 16 2.05 34.17 -11.60
N SER D 17 1.17 33.22 -11.31
CA SER D 17 0.75 32.99 -9.94
C SER D 17 1.90 32.40 -9.12
N GLU D 18 2.71 31.56 -9.73
CA GLU D 18 3.88 31.06 -9.04
C GLU D 18 4.94 32.16 -8.83
N GLY D 19 5.01 33.09 -9.78
CA GLY D 19 5.89 34.24 -9.69
C GLY D 19 5.55 35.10 -8.49
N GLU D 20 4.26 35.40 -8.34
CA GLU D 20 3.78 36.19 -7.21
C GLU D 20 4.14 35.48 -5.90
N LYS D 21 3.90 34.19 -5.87
CA LYS D 21 4.01 33.41 -4.64
C LYS D 21 5.47 33.35 -4.19
N ILE D 22 6.34 33.05 -5.12
CA ILE D 22 7.74 32.87 -4.77
C ILE D 22 8.45 34.20 -4.45
N ARG D 23 8.02 35.29 -5.07
CA ARG D 23 8.49 36.64 -4.68
C ARG D 23 7.96 37.09 -3.32
N LYS D 24 6.75 36.68 -2.97
CA LYS D 24 6.21 37.06 -1.66
C LYS D 24 6.92 36.28 -0.56
N LYS D 25 7.21 35.02 -0.83
CA LYS D 25 7.87 34.15 0.13
C LYS D 25 9.38 34.41 0.24
N TYR D 26 10.01 34.67 -0.91
CA TYR D 26 11.44 34.88 -0.96
C TYR D 26 11.73 36.24 -1.54
N PRO D 27 11.52 37.27 -0.71
CA PRO D 27 11.66 38.61 -1.25
C PRO D 27 13.12 38.96 -1.56
N ASP D 28 14.07 38.29 -0.91
CA ASP D 28 15.49 38.48 -1.16
C ASP D 28 16.05 37.60 -2.31
N ARG D 29 15.18 36.91 -3.03
CA ARG D 29 15.62 36.04 -4.11
C ARG D 29 14.85 36.43 -5.37
N VAL D 30 15.39 36.09 -6.52
CA VAL D 30 14.64 36.27 -7.78
C VAL D 30 14.53 34.97 -8.58
N PRO D 31 13.31 34.68 -9.10
CA PRO D 31 13.06 33.52 -9.93
C PRO D 31 13.55 33.72 -11.36
N VAL D 32 14.39 32.81 -11.82
CA VAL D 32 15.10 32.95 -13.08
C VAL D 32 14.97 31.69 -13.92
N ILE D 33 14.51 31.89 -15.15
CA ILE D 33 14.40 30.78 -16.10
C ILE D 33 15.50 30.91 -17.15
N VAL D 34 16.29 29.85 -17.29
CA VAL D 34 17.43 29.79 -18.21
C VAL D 34 17.28 28.66 -19.21
N GLU D 35 17.48 28.99 -20.47
CA GLU D 35 17.40 28.01 -21.53
C GLU D 35 18.44 28.32 -22.61
N LYS D 36 19.04 27.28 -23.16
CA LYS D 36 19.89 27.44 -24.33
C LYS D 36 19.18 28.25 -25.43
N ALA D 37 19.87 29.25 -26.01
CA ALA D 37 19.28 29.98 -27.16
C ALA D 37 19.01 29.05 -28.35
N PRO D 38 18.02 29.40 -29.20
CA PRO D 38 17.91 28.80 -30.55
C PRO D 38 19.27 28.69 -31.27
N LYS D 39 19.55 27.50 -31.81
CA LYS D 39 20.65 27.29 -32.77
C LYS D 39 22.02 27.25 -32.06
N ALA D 40 22.02 27.31 -30.74
CA ALA D 40 23.29 27.37 -30.02
C ALA D 40 24.03 26.02 -30.16
N ARG D 41 25.35 26.08 -30.19
CA ARG D 41 26.18 24.88 -30.23
C ARG D 41 26.98 24.79 -28.96
N ILE D 42 26.42 24.14 -27.98
CA ILE D 42 26.95 24.25 -26.63
C ILE D 42 26.30 23.18 -25.76
N GLY D 43 26.94 22.86 -24.64
CA GLY D 43 26.41 21.88 -23.72
C GLY D 43 25.04 22.24 -23.19
N ASP D 44 24.23 21.19 -22.96
CA ASP D 44 22.95 21.33 -22.29
C ASP D 44 23.10 21.71 -20.82
N LEU D 45 22.07 22.39 -20.31
CA LEU D 45 21.97 22.76 -18.90
C LEU D 45 21.00 21.83 -18.21
N ASP D 46 21.51 21.12 -17.21
CA ASP D 46 20.74 20.15 -16.46
C ASP D 46 19.43 20.70 -15.88
N LYS D 47 19.52 21.89 -15.28
CA LYS D 47 18.38 22.51 -14.59
C LYS D 47 17.99 23.85 -15.20
N LYS D 48 16.69 24.05 -15.37
CA LYS D 48 16.13 25.24 -15.94
C LYS D 48 15.81 26.38 -14.93
N LYS D 49 15.42 26.04 -13.71
CA LYS D 49 14.74 27.03 -12.86
C LYS D 49 15.65 27.32 -11.67
N TYR D 50 16.06 28.58 -11.53
CA TYR D 50 16.99 28.98 -10.44
C TYR D 50 16.36 30.06 -9.56
N LEU D 51 16.42 29.86 -8.24
CA LEU D 51 15.94 30.84 -7.28
C LEU D 51 17.17 31.47 -6.65
N VAL D 52 17.46 32.69 -7.08
CA VAL D 52 18.81 33.26 -7.01
C VAL D 52 18.83 34.42 -6.00
N PRO D 53 19.79 34.39 -5.06
CA PRO D 53 19.94 35.55 -4.20
C PRO D 53 20.03 36.85 -5.01
N SER D 54 19.26 37.84 -4.60
CA SER D 54 19.13 39.09 -5.34
C SER D 54 20.46 39.85 -5.44
N ASP D 55 21.33 39.65 -4.47
CA ASP D 55 22.60 40.37 -4.42
C ASP D 55 23.69 39.62 -5.20
N LEU D 56 23.42 38.37 -5.59
CA LEU D 56 24.37 37.66 -6.44
C LEU D 56 24.52 38.46 -7.70
N THR D 57 25.74 38.53 -8.24
CA THR D 57 25.96 39.35 -9.42
C THR D 57 25.66 38.57 -10.70
N VAL D 58 25.36 39.28 -11.77
CA VAL D 58 25.26 38.65 -13.07
C VAL D 58 26.55 37.92 -13.43
N GLY D 59 27.70 38.51 -13.05
CA GLY D 59 28.99 37.85 -13.24
C GLY D 59 29.08 36.50 -12.54
N GLN D 60 28.64 36.47 -11.29
CA GLN D 60 28.72 35.27 -10.48
C GLN D 60 27.72 34.23 -10.93
N PHE D 61 26.63 34.68 -11.55
CA PHE D 61 25.65 33.76 -12.10
C PHE D 61 26.08 33.13 -13.43
N TYR D 62 26.64 33.96 -14.31
CA TYR D 62 27.49 33.51 -15.41
C TYR D 62 28.42 32.36 -14.99
N PHE D 63 29.29 32.63 -14.02
CA PHE D 63 30.25 31.63 -13.60
C PHE D 63 29.52 30.34 -13.20
N LEU D 64 28.44 30.47 -12.42
CA LEU D 64 27.65 29.32 -11.97
C LEU D 64 27.19 28.50 -13.17
N ILE D 65 26.57 29.17 -14.13
CA ILE D 65 26.02 28.46 -15.26
C ILE D 65 27.16 27.84 -16.11
N ARG D 66 28.24 28.57 -16.32
CA ARG D 66 29.40 28.03 -17.08
C ARG D 66 29.88 26.68 -16.48
N LYS D 67 29.95 26.59 -15.15
CA LYS D 67 30.32 25.35 -14.47
C LYS D 67 29.35 24.24 -14.71
N ARG D 68 28.06 24.52 -14.56
CA ARG D 68 27.05 23.49 -14.72
C ARG D 68 27.15 22.94 -16.13
N ILE D 69 27.56 23.79 -17.08
CA ILE D 69 27.74 23.40 -18.49
C ILE D 69 29.10 22.72 -18.77
N HIS D 70 29.98 22.69 -17.76
CA HIS D 70 31.36 22.20 -17.93
C HIS D 70 32.07 22.87 -19.09
N LEU D 71 32.02 24.20 -19.14
CA LEU D 71 32.63 24.95 -20.23
C LEU D 71 34.02 25.43 -19.80
N ARG D 72 35.01 25.33 -20.68
CA ARG D 72 36.37 25.81 -20.37
C ARG D 72 36.43 27.33 -20.38
N ALA D 73 37.29 27.90 -19.54
CA ALA D 73 37.24 29.33 -19.17
C ALA D 73 37.62 30.22 -20.36
N GLU D 74 38.29 29.64 -21.33
CA GLU D 74 38.66 30.38 -22.54
C GLU D 74 37.57 30.29 -23.61
N ASP D 75 36.63 29.35 -23.45
CA ASP D 75 35.47 29.24 -24.36
C ASP D 75 34.46 30.37 -24.13
N ALA D 76 33.71 30.66 -25.17
CA ALA D 76 32.72 31.73 -25.16
C ALA D 76 31.37 31.27 -24.57
N LEU D 77 30.82 32.12 -23.71
CA LEU D 77 29.41 32.00 -23.27
C LEU D 77 28.73 33.37 -23.26
N PHE D 78 27.53 33.43 -23.85
CA PHE D 78 26.75 34.67 -23.87
C PHE D 78 25.35 34.48 -23.27
N PHE D 79 24.94 35.43 -22.43
CA PHE D 79 23.56 35.51 -21.93
C PHE D 79 22.79 36.56 -22.72
N PHE D 80 21.56 36.21 -23.13
CA PHE D 80 20.64 37.19 -23.69
C PHE D 80 19.36 37.35 -22.87
N VAL D 81 19.05 38.61 -22.55
CA VAL D 81 17.85 38.97 -21.79
C VAL D 81 17.11 40.15 -22.46
N ASN D 82 15.87 39.93 -22.89
CA ASN D 82 15.13 41.00 -23.55
C ASN D 82 15.99 41.82 -24.50
N ASN D 83 16.67 41.14 -25.43
CA ASN D 83 17.38 41.83 -26.53
C ASN D 83 18.62 42.61 -26.13
N VAL D 84 19.22 42.23 -25.02
CA VAL D 84 20.49 42.83 -24.61
C VAL D 84 21.31 41.69 -24.05
N ILE D 85 22.62 41.89 -23.97
CA ILE D 85 23.49 41.06 -23.17
C ILE D 85 23.67 41.77 -21.83
N PRO D 86 23.34 41.10 -20.72
CA PRO D 86 23.25 41.91 -19.51
C PRO D 86 24.66 42.16 -18.97
N PRO D 87 24.94 43.37 -18.48
CA PRO D 87 26.30 43.57 -17.97
C PRO D 87 26.55 42.74 -16.71
N THR D 88 27.79 42.33 -16.50
CA THR D 88 28.10 41.35 -15.48
C THR D 88 28.21 41.99 -14.10
N SER D 89 28.29 43.32 -14.04
CA SER D 89 28.37 43.99 -12.74
C SER D 89 27.01 44.32 -12.09
N ALA D 90 25.92 44.22 -12.83
CA ALA D 90 24.59 44.33 -12.20
C ALA D 90 24.36 43.16 -11.24
N THR D 91 23.51 43.38 -10.25
CA THR D 91 23.03 42.28 -9.43
C THR D 91 21.89 41.59 -10.13
N MET D 92 21.67 40.34 -9.79
CA MET D 92 20.52 39.59 -10.29
C MET D 92 19.21 40.26 -9.86
N GLY D 93 19.17 40.86 -8.66
CA GLY D 93 18.04 41.72 -8.27
C GLY D 93 17.80 42.91 -9.18
N GLN D 94 18.88 43.57 -9.59
CA GLN D 94 18.75 44.75 -10.43
C GLN D 94 18.31 44.31 -11.83
N LEU D 95 18.92 43.26 -12.38
CA LEU D 95 18.50 42.75 -13.72
C LEU D 95 17.03 42.31 -13.67
N TYR D 96 16.66 41.60 -12.60
CA TYR D 96 15.29 41.16 -12.41
C TYR D 96 14.29 42.35 -12.47
N GLN D 97 14.58 43.40 -11.73
CA GLN D 97 13.67 44.55 -11.65
C GLN D 97 13.58 45.23 -13.01
N GLU D 98 14.70 45.30 -13.73
CA GLU D 98 14.66 45.92 -15.06
C GLU D 98 13.87 45.06 -16.03
N HIS D 99 14.08 43.75 -15.99
CA HIS D 99 13.76 42.92 -17.12
C HIS D 99 12.72 41.87 -16.86
N HIS D 100 12.30 41.65 -15.60
CA HIS D 100 11.35 40.54 -15.41
C HIS D 100 10.08 40.78 -16.26
N GLU D 101 9.47 39.70 -16.75
CA GLU D 101 8.26 39.80 -17.54
C GLU D 101 7.06 39.86 -16.62
N GLU D 102 5.87 39.76 -17.18
CA GLU D 102 4.69 39.99 -16.39
C GLU D 102 4.25 38.75 -15.63
N ASP D 103 4.90 37.61 -15.85
CA ASP D 103 4.74 36.47 -14.94
C ASP D 103 5.67 36.55 -13.73
N PHE D 104 6.36 37.69 -13.62
CA PHE D 104 7.31 37.90 -12.53
C PHE D 104 8.46 36.90 -12.55
N PHE D 105 8.75 36.35 -13.73
CA PHE D 105 10.02 35.63 -13.96
C PHE D 105 10.97 36.44 -14.86
N LEU D 106 12.26 36.32 -14.59
CA LEU D 106 13.30 36.74 -15.50
C LEU D 106 13.69 35.61 -16.43
N TYR D 107 13.82 35.91 -17.71
CA TYR D 107 14.16 34.91 -18.71
C TYR D 107 15.54 35.18 -19.29
N ILE D 108 16.42 34.18 -19.22
CA ILE D 108 17.73 34.29 -19.78
C ILE D 108 18.06 33.17 -20.78
N ALA D 109 18.51 33.60 -21.96
CA ALA D 109 18.94 32.65 -22.99
C ALA D 109 20.45 32.62 -23.07
N TYR D 110 21.02 31.43 -23.29
CA TYR D 110 22.47 31.28 -23.29
C TYR D 110 22.95 30.65 -24.59
N SER D 111 24.14 31.04 -25.01
CA SER D 111 24.67 30.60 -26.30
C SER D 111 26.19 30.63 -26.36
N ASP D 112 26.75 29.90 -27.33
CA ASP D 112 28.17 30.01 -27.69
C ASP D 112 28.49 31.21 -28.57
N GLU D 113 27.49 31.73 -29.28
CA GLU D 113 27.71 32.73 -30.31
C GLU D 113 27.02 34.06 -29.97
N SER D 114 27.66 35.14 -30.40
CA SER D 114 27.13 36.49 -30.28
C SER D 114 26.16 36.76 -31.42
N VAL D 115 25.09 35.97 -31.45
CA VAL D 115 24.05 36.03 -32.48
C VAL D 115 22.79 35.66 -31.74
N TYR D 116 21.75 36.47 -31.85
CA TYR D 116 20.50 36.18 -31.16
C TYR D 116 19.29 36.64 -31.93
N GLY D 117 18.27 35.77 -32.01
CA GLY D 117 16.91 36.18 -32.32
C GLY D 117 16.12 35.10 -33.05
N SER E 1 13.20 11.19 12.77
CA SER E 1 14.62 11.22 13.22
C SER E 1 15.09 10.04 14.12
N ASP E 2 14.20 9.14 14.53
CA ASP E 2 14.66 7.88 15.13
C ASP E 2 15.30 7.01 14.04
N ASP E 3 16.55 6.62 14.26
CA ASP E 3 17.26 5.72 13.36
C ASP E 3 17.73 4.40 14.01
N ASP E 4 17.06 3.96 15.08
CA ASP E 4 17.45 2.73 15.78
C ASP E 4 17.20 1.45 14.98
N PHE E 5 16.12 1.41 14.23
CA PHE E 5 15.72 0.19 13.57
C PHE E 5 15.02 0.49 12.27
N TRP E 6 14.98 -0.52 11.41
CA TRP E 6 14.38 -0.43 10.11
C TRP E 6 12.91 -0.78 10.23
N VAL E 7 12.08 0.06 9.64
CA VAL E 7 10.65 -0.12 9.66
C VAL E 7 10.30 -1.12 8.59
N ARG E 8 9.82 -2.30 8.98
CA ARG E 8 9.44 -3.29 7.98
C ARG E 8 8.12 -2.87 7.39
N VAL E 9 8.15 -2.29 6.20
CA VAL E 9 6.93 -1.95 5.48
C VAL E 9 6.15 -3.15 4.89
N ALA E 10 4.84 -3.19 5.13
CA ALA E 10 4.00 -4.27 4.63
C ALA E 10 3.97 -4.27 3.09
N PRO E 11 4.03 -5.46 2.46
CA PRO E 11 3.84 -5.52 1.01
C PRO E 11 2.39 -5.41 0.57
N SER F 1 -13.38 -30.55 33.51
CA SER F 1 -12.68 -30.97 32.26
C SER F 1 -13.67 -31.44 31.18
N ASP F 2 -13.53 -30.88 29.98
CA ASP F 2 -14.50 -31.12 28.91
C ASP F 2 -13.95 -32.17 27.95
N ASP F 3 -12.87 -32.83 28.39
CA ASP F 3 -11.85 -33.40 27.53
C ASP F 3 -11.63 -34.85 27.89
N ASP F 4 -12.26 -35.29 28.96
CA ASP F 4 -11.79 -36.45 29.69
C ASP F 4 -12.39 -37.78 29.22
N PHE F 5 -13.48 -37.74 28.45
CA PHE F 5 -13.96 -38.98 27.86
C PHE F 5 -14.75 -38.70 26.58
N TRP F 6 -14.83 -39.74 25.75
CA TRP F 6 -15.56 -39.69 24.47
C TRP F 6 -17.03 -39.98 24.70
N VAL F 7 -17.88 -39.23 24.01
CA VAL F 7 -19.33 -39.42 24.13
C VAL F 7 -19.72 -40.46 23.10
N ARG F 8 -20.17 -41.62 23.57
CA ARG F 8 -20.56 -42.68 22.67
C ARG F 8 -21.93 -42.36 22.09
N VAL F 9 -21.96 -41.68 20.95
CA VAL F 9 -23.21 -41.31 20.32
C VAL F 9 -24.00 -42.54 19.93
N ALA F 10 -25.31 -42.49 20.18
CA ALA F 10 -26.23 -43.53 19.71
C ALA F 10 -26.39 -43.56 18.19
N PRO F 11 -26.40 -44.75 17.59
CA PRO F 11 -26.82 -44.88 16.19
C PRO F 11 -28.33 -44.71 16.00
N SER G 1 -16.59 -17.57 -4.49
CA SER G 1 -17.54 -18.65 -4.94
C SER G 1 -18.58 -19.01 -3.85
N ASP G 2 -18.11 -19.68 -2.80
CA ASP G 2 -18.74 -19.71 -1.46
C ASP G 2 -19.32 -18.36 -1.04
N ASP G 3 -20.64 -18.28 -0.83
CA ASP G 3 -21.23 -17.13 -0.13
C ASP G 3 -21.96 -17.53 1.14
N ASP G 4 -21.47 -18.60 1.77
CA ASP G 4 -22.13 -19.24 2.89
C ASP G 4 -21.97 -18.45 4.17
N PHE G 5 -20.79 -17.87 4.30
CA PHE G 5 -20.41 -17.19 5.53
C PHE G 5 -19.42 -16.08 5.26
N TRP G 6 -19.28 -15.19 6.23
CA TRP G 6 -18.40 -14.05 6.12
C TRP G 6 -17.01 -14.44 6.60
N VAL G 7 -16.00 -14.19 5.77
CA VAL G 7 -14.63 -14.44 6.21
C VAL G 7 -14.18 -13.35 7.16
N ARG G 8 -13.91 -13.72 8.42
CA ARG G 8 -13.47 -12.75 9.41
C ARG G 8 -11.99 -12.41 9.24
N VAL G 9 -11.70 -11.26 8.63
CA VAL G 9 -10.35 -10.85 8.28
C VAL G 9 -9.67 -10.25 9.50
N ALA G 10 -8.44 -10.69 9.75
CA ALA G 10 -7.68 -10.30 10.92
C ALA G 10 -7.23 -8.85 10.83
N PRO G 11 -7.37 -8.10 11.92
CA PRO G 11 -6.87 -6.73 11.98
C PRO G 11 -5.36 -6.68 12.16
N SER H 1 17.28 21.52 -18.98
CA SER H 1 16.31 20.50 -19.48
C SER H 1 15.28 20.10 -18.40
N ASP H 2 15.68 19.92 -17.13
CA ASP H 2 14.71 19.62 -16.04
C ASP H 2 14.10 20.87 -15.41
N ASP H 3 12.77 20.99 -15.45
CA ASP H 3 12.10 22.12 -14.80
C ASP H 3 11.16 21.74 -13.66
N ASP H 4 11.37 20.59 -13.02
CA ASP H 4 10.48 20.16 -11.96
C ASP H 4 10.53 21.06 -10.71
N PHE H 5 11.69 21.62 -10.43
CA PHE H 5 11.88 22.32 -9.17
C PHE H 5 12.92 23.44 -9.28
N TRP H 6 12.85 24.37 -8.33
CA TRP H 6 13.68 25.56 -8.34
C TRP H 6 14.98 25.22 -7.66
N VAL H 7 16.09 25.42 -8.36
CA VAL H 7 17.42 25.20 -7.75
C VAL H 7 17.68 26.34 -6.81
N ARG H 8 17.88 26.02 -5.53
CA ARG H 8 18.16 27.04 -4.53
C ARG H 8 19.64 27.41 -4.54
N VAL H 9 19.95 28.56 -5.11
CA VAL H 9 21.33 28.94 -5.33
C VAL H 9 21.88 29.57 -4.05
N ALA H 10 23.05 29.11 -3.64
CA ALA H 10 23.66 29.58 -2.39
C ALA H 10 24.09 31.04 -2.52
N PRO H 11 23.94 31.81 -1.44
CA PRO H 11 24.68 33.07 -1.45
C PRO H 11 26.18 32.84 -1.51
#